data_7XME
#
_entry.id   7XME
#
_cell.length_a   176.791
_cell.length_b   31.306
_cell.length_c   114.552
_cell.angle_alpha   90.000
_cell.angle_beta   95.310
_cell.angle_gamma   90.000
#
_symmetry.space_group_name_H-M   'C 1 2 1'
#
loop_
_entity.id
_entity.type
_entity.pdbx_description
1 polymer 'Polymerase basic protein 2'
2 non-polymer 'IODIDE ION'
3 non-polymer '(2~{S},3~{S})-3-[[5-dimethoxyphosphoryl-4-(5-fluoranyl-1~{H}-pyrrolo[2,3-b]pyridin-3-yl)pyrimidin-2-yl]amino]bicyclo[2.2.2]octane-2-carboxylic acid'
4 water water
#
_entity_poly.entity_id   1
_entity_poly.type   'polypeptide(L)'
_entity_poly.pdbx_seq_one_letter_code
;RISSSFSFGGFTFKRTSGSSIKREEEVLTGNLQTLKIRVHEGYEEFTMVGKRATAILRKATRRLVQLIVSGRDEQSIAEA
IIVAMVFSQEDCMIKAVRGDLNFVNRANQRLNPMHQLLRHFQKDAKVLFQNWGIEHIDNVMGMVGVLPDMTPSTEMSMRG
IRVSKM
;
_entity_poly.pdbx_strand_id   A,B,C,D
#
# COMPACT_ATOMS: atom_id res chain seq x y z
N SER A 4 -0.28 -13.80 26.49
CA SER A 4 0.61 -14.87 26.07
C SER A 4 0.43 -15.14 24.58
N SER A 5 -0.70 -14.68 24.04
CA SER A 5 -1.00 -14.73 22.62
C SER A 5 -0.83 -13.37 21.96
N PHE A 6 -0.55 -13.39 20.66
CA PHE A 6 -0.62 -12.17 19.87
C PHE A 6 -1.03 -12.52 18.44
N SER A 7 -1.16 -11.49 17.60
CA SER A 7 -1.58 -11.63 16.22
C SER A 7 -0.61 -10.94 15.29
N PHE A 8 -0.37 -11.53 14.13
CA PHE A 8 0.55 -10.95 13.16
C PHE A 8 0.23 -11.50 11.78
N GLY A 9 -0.03 -10.60 10.83
CA GLY A 9 -0.26 -11.02 9.45
C GLY A 9 -1.41 -11.98 9.29
N GLY A 10 -2.46 -11.83 10.08
CA GLY A 10 -3.60 -12.71 10.02
C GLY A 10 -3.39 -14.05 10.70
N PHE A 11 -2.25 -14.26 11.34
CA PHE A 11 -1.95 -15.51 12.02
C PHE A 11 -1.90 -15.27 13.53
N THR A 12 -2.48 -16.19 14.29
CA THR A 12 -2.45 -16.14 15.74
C THR A 12 -1.17 -16.82 16.22
N PHE A 13 -0.26 -16.04 16.80
CA PHE A 13 0.98 -16.56 17.37
C PHE A 13 0.78 -16.84 18.86
N LYS A 14 1.34 -17.98 19.29
CA LYS A 14 1.34 -18.38 20.69
C LYS A 14 2.69 -19.01 21.00
N ARG A 15 3.46 -18.39 21.85
CA ARG A 15 4.79 -18.92 22.15
C ARG A 15 4.68 -20.21 22.97
N THR A 16 5.35 -21.27 22.54
CA THR A 16 5.29 -22.56 23.23
C THR A 16 6.52 -22.85 24.03
N SER A 17 7.54 -22.04 23.91
CA SER A 17 8.79 -22.29 24.62
C SER A 17 9.70 -21.09 24.42
N GLY A 18 10.73 -21.02 25.26
CA GLY A 18 11.78 -20.03 25.09
C GLY A 18 11.43 -18.65 25.63
N SER A 19 12.41 -17.76 25.47
CA SER A 19 12.35 -16.41 26.01
C SER A 19 13.05 -15.48 25.02
N SER A 20 12.74 -14.18 25.14
CA SER A 20 13.45 -13.17 24.37
C SER A 20 13.43 -11.87 25.15
N ILE A 21 14.51 -11.12 25.06
CA ILE A 21 14.59 -9.77 25.58
C ILE A 21 14.53 -8.82 24.38
N LYS A 22 14.16 -7.58 24.63
CA LYS A 22 14.04 -6.61 23.55
C LYS A 22 15.25 -5.69 23.50
N ARG A 23 15.58 -5.24 22.28
CA ARG A 23 16.67 -4.29 22.10
C ARG A 23 16.44 -3.52 20.81
N GLU A 24 16.57 -2.20 20.86
CA GLU A 24 16.34 -1.38 19.69
C GLU A 24 17.52 -1.46 18.73
N GLU A 25 17.21 -1.54 17.43
CA GLU A 25 18.25 -1.66 16.40
C GLU A 25 17.84 -0.88 15.16
N GLU A 26 18.80 -0.16 14.60
CA GLU A 26 18.62 0.59 13.36
C GLU A 26 19.14 -0.26 12.22
N VAL A 27 18.25 -0.65 11.31
CA VAL A 27 18.61 -1.47 10.17
C VAL A 27 18.41 -0.66 8.89
N LEU A 28 18.94 -1.20 7.79
CA LEU A 28 18.96 -0.53 6.50
C LEU A 28 18.36 -1.48 5.47
N THR A 29 17.16 -1.17 4.99
CA THR A 29 16.50 -2.01 4.01
C THR A 29 17.31 -2.04 2.72
N GLY A 30 16.92 -2.93 1.81
CA GLY A 30 17.53 -3.01 0.50
C GLY A 30 17.56 -1.68 -0.23
N ASN A 31 16.65 -0.77 0.13
CA ASN A 31 16.56 0.54 -0.50
C ASN A 31 17.22 1.64 0.34
N LEU A 32 18.18 1.27 1.20
CA LEU A 32 18.90 2.24 2.02
C LEU A 32 17.96 3.10 2.85
N GLN A 33 16.85 2.52 3.31
CA GLN A 33 15.93 3.19 4.21
C GLN A 33 16.18 2.73 5.64
N THR A 34 16.32 3.68 6.55
CA THR A 34 16.56 3.37 7.95
C THR A 34 15.26 2.99 8.64
N LEU A 35 15.26 1.86 9.34
CA LEU A 35 14.14 1.46 10.18
C LEU A 35 14.63 1.18 11.59
N LYS A 36 13.82 1.55 12.59
CA LYS A 36 14.14 1.30 13.99
C LYS A 36 13.24 0.17 14.48
N ILE A 37 13.77 -1.05 14.47
CA ILE A 37 13.02 -2.24 14.85
C ILE A 37 13.39 -2.62 16.28
N ARG A 38 12.47 -3.32 16.94
CA ARG A 38 12.75 -3.92 18.24
C ARG A 38 13.16 -5.38 18.00
N VAL A 39 14.44 -5.66 18.15
CA VAL A 39 14.96 -7.00 17.94
C VAL A 39 14.74 -7.82 19.20
N HIS A 40 14.29 -9.06 19.02
CA HIS A 40 14.07 -9.98 20.12
C HIS A 40 15.22 -10.97 20.19
N GLU A 41 15.85 -11.04 21.36
CA GLU A 41 17.03 -11.87 21.60
C GLU A 41 16.61 -13.12 22.36
N GLY A 42 17.06 -14.26 21.87
CA GLY A 42 16.78 -15.54 22.50
C GLY A 42 16.18 -16.52 21.51
N TYR A 43 16.12 -17.77 21.94
CA TYR A 43 15.52 -18.83 21.15
C TYR A 43 14.08 -19.02 21.61
N GLU A 44 13.15 -19.02 20.65
CA GLU A 44 11.74 -19.15 20.96
C GLU A 44 11.06 -20.02 19.93
N GLU A 45 10.00 -20.69 20.37
CA GLU A 45 9.16 -21.51 19.50
C GLU A 45 7.73 -21.00 19.59
N PHE A 46 7.04 -21.04 18.46
CA PHE A 46 5.71 -20.46 18.38
C PHE A 46 4.78 -21.39 17.61
N THR A 47 3.49 -21.27 17.94
CA THR A 47 2.43 -21.80 17.11
C THR A 47 1.84 -20.66 16.30
N MET A 48 1.71 -20.87 14.99
CA MET A 48 1.00 -19.95 14.13
C MET A 48 -0.25 -20.67 13.66
N VAL A 49 -1.41 -20.10 13.97
CA VAL A 49 -2.68 -20.68 13.59
C VAL A 49 -3.38 -19.72 12.66
N GLY A 50 -3.82 -20.24 11.52
CA GLY A 50 -4.53 -19.46 10.54
C GLY A 50 -5.71 -20.24 10.00
N LYS A 51 -6.54 -19.54 9.23
CA LYS A 51 -7.76 -20.18 8.73
C LYS A 51 -7.45 -21.26 7.70
N ARG A 52 -6.35 -21.07 6.99
CA ARG A 52 -5.98 -22.01 5.94
C ARG A 52 -4.58 -22.56 6.12
N ALA A 53 -3.92 -22.26 7.24
CA ALA A 53 -2.56 -22.76 7.41
C ALA A 53 -2.16 -22.73 8.86
N THR A 54 -1.40 -23.73 9.25
CA THR A 54 -0.83 -23.78 10.58
C THR A 54 0.68 -24.01 10.47
N ALA A 55 1.40 -23.66 11.52
CA ALA A 55 2.85 -23.83 11.49
C ALA A 55 3.43 -23.84 12.89
N ILE A 56 4.55 -24.54 13.03
CA ILE A 56 5.44 -24.44 14.17
C ILE A 56 6.66 -23.66 13.73
N LEU A 57 7.07 -22.69 14.54
CA LEU A 57 8.15 -21.78 14.15
C LEU A 57 9.17 -21.69 15.27
N ARG A 58 10.38 -22.18 15.02
CA ARG A 58 11.49 -21.98 15.93
C ARG A 58 12.40 -20.91 15.36
N LYS A 59 12.78 -19.94 16.20
CA LYS A 59 13.59 -18.81 15.76
C LYS A 59 14.59 -18.46 16.85
N ALA A 60 15.66 -17.81 16.42
CA ALA A 60 16.66 -17.25 17.32
C ALA A 60 16.72 -15.75 17.08
N THR A 61 17.75 -15.11 17.65
CA THR A 61 17.94 -13.68 17.43
C THR A 61 18.14 -13.38 15.95
N ARG A 62 17.14 -12.77 15.33
CA ARG A 62 17.19 -12.39 13.92
C ARG A 62 17.57 -13.58 13.03
N ARG A 63 17.08 -14.76 13.39
CA ARG A 63 17.34 -15.96 12.58
C ARG A 63 16.18 -16.93 12.72
N LEU A 64 15.58 -17.29 11.59
CA LEU A 64 14.59 -18.37 11.56
C LEU A 64 15.32 -19.70 11.65
N VAL A 65 15.15 -20.40 12.77
CA VAL A 65 15.80 -21.69 12.96
C VAL A 65 15.09 -22.77 12.16
N GLN A 66 13.77 -22.74 12.12
CA GLN A 66 13.00 -23.73 11.38
C GLN A 66 11.54 -23.31 11.36
N LEU A 67 10.85 -23.72 10.30
CA LEU A 67 9.41 -23.50 10.17
C LEU A 67 8.80 -24.74 9.55
N ILE A 68 8.02 -25.48 10.32
CA ILE A 68 7.26 -26.63 9.83
C ILE A 68 5.84 -26.14 9.57
N VAL A 69 5.43 -26.10 8.31
CA VAL A 69 4.17 -25.49 7.92
C VAL A 69 3.32 -26.52 7.19
N SER A 70 2.01 -26.47 7.47
CA SER A 70 1.01 -27.21 6.71
C SER A 70 -0.08 -26.24 6.34
N GLY A 71 -0.71 -26.45 5.21
CA GLY A 71 -1.72 -25.53 4.68
C GLY A 71 -2.65 -26.21 3.71
N ARG A 72 -3.57 -25.49 3.12
CA ARG A 72 -4.55 -26.19 2.27
C ARG A 72 -4.37 -25.84 0.80
N ASP A 73 -3.37 -25.02 0.51
CA ASP A 73 -3.16 -24.66 -0.89
C ASP A 73 -1.82 -23.97 -1.02
N GLU A 74 -1.51 -23.49 -2.20
CA GLU A 74 -0.18 -22.91 -2.37
C GLU A 74 -0.12 -21.50 -1.79
N GLN A 75 -1.23 -20.75 -1.86
CA GLN A 75 -1.20 -19.40 -1.32
C GLN A 75 -1.38 -19.36 0.18
N SER A 76 -1.95 -20.42 0.71
CA SER A 76 -2.10 -20.55 2.16
C SER A 76 -0.70 -20.80 2.74
N ILE A 77 0.10 -21.64 2.11
CA ILE A 77 1.48 -21.93 2.60
C ILE A 77 2.33 -20.68 2.33
N ALA A 78 2.08 -20.01 1.22
CA ALA A 78 2.85 -18.82 0.88
C ALA A 78 2.65 -17.73 1.91
N GLU A 79 1.41 -17.49 2.33
CA GLU A 79 1.15 -16.47 3.34
C GLU A 79 1.80 -16.84 4.67
N ALA A 80 1.70 -18.11 5.06
CA ALA A 80 2.36 -18.57 6.27
C ALA A 80 3.86 -18.30 6.23
N ILE A 81 4.51 -18.66 5.12
CA ILE A 81 5.94 -18.49 4.99
C ILE A 81 6.32 -17.01 5.00
N ILE A 82 5.53 -16.18 4.32
CA ILE A 82 5.83 -14.74 4.28
C ILE A 82 5.78 -14.17 5.69
N VAL A 83 4.71 -14.47 6.43
CA VAL A 83 4.61 -13.99 7.80
C VAL A 83 5.78 -14.50 8.63
N ALA A 84 6.13 -15.78 8.46
CA ALA A 84 7.21 -16.35 9.27
C ALA A 84 8.55 -15.69 8.96
N MET A 85 8.81 -15.38 7.70
CA MET A 85 10.10 -14.79 7.33
C MET A 85 10.18 -13.33 7.75
N VAL A 86 9.05 -12.60 7.73
CA VAL A 86 9.07 -11.24 8.25
C VAL A 86 9.21 -11.26 9.77
N PHE A 87 8.60 -12.26 10.42
CA PHE A 87 8.70 -12.40 11.87
C PHE A 87 10.13 -12.72 12.30
N SER A 88 10.82 -13.57 11.53
CA SER A 88 12.23 -13.88 11.82
C SER A 88 13.03 -12.61 12.16
N GLN A 89 12.79 -11.53 11.42
CA GLN A 89 13.58 -10.30 11.52
C GLN A 89 14.96 -10.45 10.92
N GLU A 90 15.13 -11.39 9.99
CA GLU A 90 16.44 -11.65 9.43
C GLU A 90 16.94 -10.51 8.56
N ASP A 91 18.25 -10.32 8.55
CA ASP A 91 18.83 -9.31 7.67
C ASP A 91 18.52 -9.63 6.22
N CYS A 92 18.59 -10.91 5.85
CA CYS A 92 18.06 -11.36 4.56
C CYS A 92 16.74 -10.69 4.20
N MET A 93 15.73 -10.81 5.08
CA MET A 93 14.41 -10.24 4.76
C MET A 93 14.46 -8.73 4.68
N ILE A 94 15.20 -8.08 5.59
CA ILE A 94 15.31 -6.62 5.54
C ILE A 94 15.90 -6.17 4.22
N LYS A 95 16.86 -6.94 3.70
CA LYS A 95 17.51 -6.60 2.45
C LYS A 95 16.67 -6.98 1.24
N ALA A 96 15.70 -7.88 1.42
CA ALA A 96 14.82 -8.21 0.31
C ALA A 96 13.93 -7.05 -0.10
N VAL A 97 13.88 -5.99 0.70
CA VAL A 97 13.19 -4.77 0.30
C VAL A 97 14.02 -4.19 -0.83
N ARG A 98 13.66 -4.49 -2.07
CA ARG A 98 14.47 -4.11 -3.22
C ARG A 98 13.66 -3.30 -4.22
N GLY A 99 14.36 -2.44 -4.93
CA GLY A 99 13.76 -1.54 -5.89
C GLY A 99 14.47 -0.20 -5.91
N ASN A 102 12.20 1.90 -3.51
CA ASN A 102 11.56 0.87 -2.72
C ASN A 102 11.38 1.31 -1.27
N PHE A 103 10.87 2.52 -1.09
CA PHE A 103 10.61 3.05 0.24
C PHE A 103 9.27 2.54 0.76
N VAL A 104 9.19 2.38 2.08
CA VAL A 104 7.99 1.91 2.74
C VAL A 104 7.42 3.08 3.54
N ASN A 105 6.15 3.38 3.31
CA ASN A 105 5.49 4.50 3.99
C ASN A 105 5.68 4.43 5.51
N LEU A 111 1.57 3.07 11.58
CA LEU A 111 2.56 2.64 10.59
C LEU A 111 3.90 2.09 11.18
N ASN A 112 3.88 0.73 11.66
CA ASN A 112 5.03 0.02 12.26
C ASN A 112 6.04 -0.41 11.21
N PRO A 113 7.31 -0.38 11.56
CA PRO A 113 8.33 -0.91 10.67
C PRO A 113 8.09 -2.39 10.41
N MET A 114 7.85 -3.19 11.46
CA MET A 114 7.53 -4.60 11.24
C MET A 114 6.32 -4.76 10.34
N HIS A 115 5.27 -3.98 10.58
CA HIS A 115 4.08 -4.06 9.74
C HIS A 115 4.33 -3.47 8.36
N GLN A 116 5.20 -2.46 8.26
CA GLN A 116 5.60 -1.97 6.95
C GLN A 116 6.21 -3.10 6.13
N LEU A 117 7.17 -3.82 6.71
CA LEU A 117 7.79 -4.95 6.04
C LEU A 117 6.75 -6.00 5.68
N LEU A 118 5.86 -6.34 6.61
CA LEU A 118 4.86 -7.35 6.25
C LEU A 118 3.97 -6.89 5.10
N ARG A 119 3.44 -5.70 5.20
CA ARG A 119 2.57 -5.15 4.16
C ARG A 119 3.33 -5.16 2.85
N HIS A 120 4.61 -4.81 2.84
CA HIS A 120 5.42 -4.78 1.60
C HIS A 120 5.59 -6.19 1.00
N PHE A 121 5.99 -7.14 1.82
CA PHE A 121 6.23 -8.50 1.37
C PHE A 121 4.96 -9.29 1.14
N GLN A 122 3.82 -8.84 1.68
CA GLN A 122 2.56 -9.47 1.34
C GLN A 122 2.11 -9.07 -0.06
N LYS A 123 2.51 -7.89 -0.52
CA LYS A 123 2.18 -7.52 -1.89
C LYS A 123 2.95 -8.38 -2.89
N ASP A 124 4.18 -8.76 -2.58
CA ASP A 124 4.93 -9.73 -3.38
C ASP A 124 6.20 -10.18 -2.68
N ALA A 125 6.46 -11.49 -2.69
CA ALA A 125 7.57 -12.08 -1.95
C ALA A 125 8.63 -12.66 -2.88
N LYS A 126 8.69 -12.19 -4.14
CA LYS A 126 9.64 -12.75 -5.09
C LYS A 126 11.07 -12.46 -4.66
N VAL A 127 11.42 -11.19 -4.46
CA VAL A 127 12.75 -10.86 -3.99
C VAL A 127 13.01 -11.52 -2.63
N LEU A 128 11.98 -11.52 -1.79
CA LEU A 128 12.07 -12.17 -0.48
C LEU A 128 12.44 -13.64 -0.59
N PHE A 129 11.63 -14.43 -1.30
CA PHE A 129 11.88 -15.86 -1.42
C PHE A 129 13.19 -16.11 -2.14
N GLN A 130 13.42 -15.30 -3.17
CA GLN A 130 14.48 -15.45 -4.15
C GLN A 130 15.86 -15.22 -3.54
N ASN A 131 15.93 -14.45 -2.44
CA ASN A 131 17.14 -14.14 -1.68
C ASN A 131 17.21 -14.84 -0.33
N TRP A 132 16.22 -15.68 0.01
CA TRP A 132 16.23 -16.32 1.33
C TRP A 132 17.28 -17.40 1.41
N GLY A 133 17.44 -18.20 0.37
CA GLY A 133 18.40 -19.28 0.33
C GLY A 133 17.72 -20.64 0.28
N ILE A 134 18.37 -21.58 -0.40
CA ILE A 134 17.84 -22.92 -0.55
C ILE A 134 18.86 -23.92 0.01
N GLU A 135 18.37 -25.14 0.23
CA GLU A 135 19.16 -26.17 0.91
C GLU A 135 18.62 -27.54 0.48
N HIS A 136 19.41 -28.57 0.77
CA HIS A 136 18.99 -29.95 0.56
C HIS A 136 18.28 -30.47 1.82
N ILE A 137 17.23 -31.26 1.61
CA ILE A 137 16.47 -31.84 2.70
C ILE A 137 16.92 -33.29 2.88
N ASP A 138 17.09 -33.69 4.14
CA ASP A 138 17.56 -35.04 4.46
C ASP A 138 16.43 -36.05 4.57
N ASN A 139 15.18 -35.61 4.50
CA ASN A 139 14.01 -36.49 4.57
C ASN A 139 13.89 -37.17 5.94
N VAL A 140 14.61 -36.66 6.94
CA VAL A 140 14.56 -37.26 8.27
C VAL A 140 13.23 -36.99 8.96
N MET A 141 12.47 -35.99 8.50
CA MET A 141 11.16 -35.71 9.03
C MET A 141 10.03 -36.23 8.14
N GLY A 142 10.35 -36.78 6.97
CA GLY A 142 9.31 -37.24 6.07
C GLY A 142 8.45 -36.13 5.50
N MET A 143 9.00 -34.92 5.43
CA MET A 143 8.26 -33.76 4.94
C MET A 143 8.67 -33.44 3.50
N VAL A 144 8.10 -32.37 2.96
CA VAL A 144 8.37 -31.95 1.59
C VAL A 144 8.94 -30.54 1.60
N GLY A 145 9.87 -30.28 0.67
CA GLY A 145 10.44 -28.95 0.53
C GLY A 145 9.65 -28.08 -0.42
N VAL A 146 9.96 -26.79 -0.40
CA VAL A 146 9.27 -25.79 -1.20
C VAL A 146 10.31 -24.84 -1.80
N LEU A 147 10.25 -24.64 -3.10
CA LEU A 147 11.21 -23.79 -3.80
C LEU A 147 10.78 -22.34 -3.73
N PRO A 148 11.67 -21.42 -4.11
CA PRO A 148 11.31 -19.99 -4.08
C PRO A 148 10.05 -19.67 -4.86
N ASP A 149 9.70 -20.54 -5.82
CA ASP A 149 8.50 -20.36 -6.63
C ASP A 149 7.30 -21.14 -6.11
N MET A 150 7.36 -21.66 -4.89
CA MET A 150 6.29 -22.42 -4.26
C MET A 150 6.06 -23.77 -4.92
N THR A 151 6.90 -24.17 -5.86
CA THR A 151 6.84 -25.51 -6.44
C THR A 151 7.36 -26.53 -5.46
N PRO A 152 6.69 -27.65 -5.23
CA PRO A 152 7.20 -28.67 -4.33
C PRO A 152 8.52 -29.26 -4.82
N SER A 153 9.22 -29.94 -3.92
CA SER A 153 10.47 -30.61 -4.25
C SER A 153 10.75 -31.67 -3.19
N THR A 154 11.41 -32.75 -3.61
CA THR A 154 11.73 -33.87 -2.74
C THR A 154 13.19 -33.92 -2.32
N GLU A 155 14.00 -32.94 -2.74
CA GLU A 155 15.38 -32.86 -2.28
C GLU A 155 15.84 -31.46 -1.91
N MET A 156 15.07 -30.42 -2.20
CA MET A 156 15.49 -29.06 -1.92
C MET A 156 14.34 -28.27 -1.33
N SER A 157 14.70 -27.29 -0.51
CA SER A 157 13.73 -26.46 0.18
C SER A 157 14.36 -25.14 0.59
N MET A 158 13.53 -24.10 0.67
CA MET A 158 13.99 -22.84 1.23
C MET A 158 14.58 -23.10 2.62
N ARG A 159 15.66 -22.38 2.92
CA ARG A 159 16.42 -22.62 4.14
C ARG A 159 15.52 -22.59 5.38
N GLY A 160 15.50 -23.69 6.12
CA GLY A 160 14.74 -23.80 7.34
C GLY A 160 13.27 -24.12 7.18
N ILE A 161 12.74 -24.05 5.96
CA ILE A 161 11.31 -24.26 5.72
C ILE A 161 11.08 -25.72 5.37
N ARG A 162 10.06 -26.31 5.98
CA ARG A 162 9.62 -27.67 5.68
C ARG A 162 8.10 -27.65 5.62
N VAL A 163 7.54 -28.43 4.71
CA VAL A 163 6.10 -28.47 4.51
C VAL A 163 5.60 -29.84 4.93
N SER A 164 4.72 -29.86 5.92
CA SER A 164 4.07 -31.06 6.41
C SER A 164 2.64 -31.15 5.85
N LYS A 165 1.90 -32.15 6.31
CA LYS A 165 0.55 -32.39 5.85
C LYS A 165 -0.47 -32.08 6.94
N SER B 4 -8.91 20.92 32.01
CA SER B 4 -7.88 21.20 31.04
C SER B 4 -6.53 21.32 31.73
N SER B 5 -6.57 21.49 33.04
CA SER B 5 -5.37 21.53 33.85
C SER B 5 -5.11 20.17 34.49
N PHE B 6 -3.83 19.89 34.74
CA PHE B 6 -3.44 18.67 35.45
C PHE B 6 -2.19 18.95 36.26
N SER B 7 -1.70 17.93 36.96
CA SER B 7 -0.54 18.07 37.83
C SER B 7 0.52 17.02 37.48
N PHE B 8 1.78 17.42 37.58
CA PHE B 8 2.91 16.52 37.29
C PHE B 8 4.13 17.03 38.04
N GLY B 9 4.72 16.17 38.87
CA GLY B 9 5.94 16.52 39.56
C GLY B 9 5.82 17.77 40.42
N GLY B 10 4.68 17.98 41.05
CA GLY B 10 4.46 19.16 41.86
C GLY B 10 4.14 20.41 41.08
N PHE B 11 4.01 20.33 39.77
CA PHE B 11 3.71 21.47 38.92
C PHE B 11 2.32 21.32 38.32
N THR B 12 1.56 22.41 38.29
CA THR B 12 0.27 22.43 37.63
C THR B 12 0.48 22.86 36.18
N PHE B 13 0.20 21.93 35.27
CA PHE B 13 0.25 22.17 33.84
C PHE B 13 -1.12 22.61 33.35
N LYS B 14 -1.13 23.62 32.47
CA LYS B 14 -2.34 24.10 31.83
C LYS B 14 -2.02 24.41 30.38
N ARG B 15 -2.66 23.70 29.46
CA ARG B 15 -2.44 23.94 28.03
C ARG B 15 -3.06 25.26 27.60
N THR B 16 -2.26 26.11 26.96
CA THR B 16 -2.71 27.40 26.47
C THR B 16 -2.96 27.44 24.98
N SER B 17 -2.57 26.40 24.23
CA SER B 17 -2.76 26.37 22.78
C SER B 17 -2.34 25.00 22.27
N GLY B 18 -2.76 24.69 21.05
CA GLY B 18 -2.34 23.49 20.36
C GLY B 18 -3.13 22.26 20.74
N SER B 19 -2.77 21.15 20.08
CA SER B 19 -3.51 19.91 20.19
C SER B 19 -2.54 18.74 20.13
N SER B 20 -2.98 17.58 20.62
CA SER B 20 -2.21 16.35 20.49
C SER B 20 -3.16 15.16 20.45
N ILE B 21 -2.77 14.14 19.68
CA ILE B 21 -3.46 12.86 19.70
C ILE B 21 -2.59 11.86 20.46
N LYS B 22 -3.20 10.80 20.94
CA LYS B 22 -2.49 9.79 21.72
C LYS B 22 -2.17 8.56 20.87
N ARG B 23 -1.07 7.88 21.16
CA ARG B 23 -0.73 6.63 20.43
C ARG B 23 0.19 5.80 21.31
N GLU B 24 0.03 4.50 21.37
CA GLU B 24 0.90 3.73 22.28
C GLU B 24 2.22 3.41 21.62
N GLU B 25 3.29 3.45 22.39
CA GLU B 25 4.63 3.21 21.87
C GLU B 25 5.40 2.48 22.95
N GLU B 26 6.17 1.49 22.54
CA GLU B 26 7.08 0.74 23.39
C GLU B 26 8.48 1.32 23.23
N VAL B 27 9.02 1.88 24.31
CA VAL B 27 10.35 2.46 24.32
C VAL B 27 11.25 1.62 25.23
N LEU B 28 12.55 1.88 25.13
CA LEU B 28 13.57 1.10 25.85
C LEU B 28 14.46 2.06 26.62
N THR B 29 14.35 2.03 27.95
CA THR B 29 15.11 2.93 28.81
C THR B 29 16.60 2.69 28.65
N GLY B 30 17.39 3.58 29.27
CA GLY B 30 18.83 3.45 29.22
C GLY B 30 19.36 2.10 29.65
N ASN B 31 18.59 1.38 30.48
CA ASN B 31 18.98 0.06 30.95
C ASN B 31 18.27 -1.06 30.20
N LEU B 32 17.86 -0.80 28.95
CA LEU B 32 17.20 -1.80 28.11
C LEU B 32 15.92 -2.34 28.76
N GLN B 33 15.19 -1.48 29.48
CA GLN B 33 13.89 -1.87 30.04
C GLN B 33 12.76 -1.34 29.18
N THR B 34 11.81 -2.22 28.87
CA THR B 34 10.67 -1.85 28.04
C THR B 34 9.60 -1.13 28.85
N LEU B 35 9.10 -0.01 28.31
CA LEU B 35 8.00 0.75 28.95
C LEU B 35 6.96 1.10 27.90
N LYS B 36 5.68 0.90 28.19
CA LYS B 36 4.64 1.29 27.21
C LYS B 36 4.05 2.62 27.64
N ILE B 37 4.30 3.63 26.85
CA ILE B 37 3.91 5.00 27.21
C ILE B 37 2.97 5.52 26.15
N ARG B 38 1.98 6.33 26.58
CA ARG B 38 1.02 7.00 25.67
C ARG B 38 1.71 8.30 25.22
N VAL B 39 2.04 8.39 23.93
CA VAL B 39 2.81 9.54 23.41
C VAL B 39 1.88 10.58 22.86
N HIS B 40 2.15 11.83 23.10
CA HIS B 40 1.26 12.85 22.54
C HIS B 40 1.90 13.37 21.26
N GLU B 41 1.13 13.42 20.19
CA GLU B 41 1.65 13.83 18.88
C GLU B 41 1.06 15.16 18.44
N GLY B 42 1.92 16.17 18.33
CA GLY B 42 1.52 17.51 17.87
C GLY B 42 2.22 18.61 18.63
N TYR B 43 1.95 19.84 18.25
CA TYR B 43 2.60 20.96 18.92
C TYR B 43 1.64 21.56 19.95
N GLU B 44 2.15 21.75 21.17
CA GLU B 44 1.34 22.26 22.27
C GLU B 44 2.17 23.18 23.14
N GLU B 45 1.49 24.12 23.80
CA GLU B 45 2.10 25.03 24.76
C GLU B 45 1.40 24.91 26.10
N PHE B 46 2.18 24.98 27.17
CA PHE B 46 1.68 24.81 28.52
C PHE B 46 2.30 25.84 29.46
N THR B 47 1.54 26.19 30.49
CA THR B 47 2.07 26.88 31.65
C THR B 47 2.22 25.88 32.79
N MET B 48 3.38 25.92 33.45
CA MET B 48 3.64 25.13 34.65
C MET B 48 3.76 26.10 35.82
N VAL B 49 2.93 25.90 36.83
CA VAL B 49 2.91 26.73 38.02
C VAL B 49 3.30 25.88 39.22
N GLY B 50 4.26 26.35 40.01
CA GLY B 50 4.72 25.64 41.18
C GLY B 50 4.90 26.60 42.34
N LYS B 51 5.17 26.03 43.51
CA LYS B 51 5.30 26.86 44.70
C LYS B 51 6.53 27.75 44.65
N ARG B 52 7.61 27.24 44.04
CA ARG B 52 8.88 28.01 43.93
C ARG B 52 9.32 28.19 42.50
N ALA B 53 8.52 27.86 41.50
CA ALA B 53 9.00 28.03 40.12
C ALA B 53 7.83 28.02 39.17
N THR B 54 7.97 28.72 38.06
CA THR B 54 6.97 28.85 36.98
C THR B 54 7.67 28.64 35.64
N ALA B 55 6.96 28.22 34.61
CA ALA B 55 7.59 27.96 33.30
C ALA B 55 6.58 27.99 32.18
N ILE B 56 7.04 28.30 31.00
CA ILE B 56 6.21 28.26 29.77
C ILE B 56 6.84 27.17 28.92
N LEU B 57 6.04 26.24 28.45
CA LEU B 57 6.68 25.12 27.75
C LEU B 57 6.02 24.86 26.42
N ARG B 58 6.79 24.97 25.37
CA ARG B 58 6.32 24.66 24.02
C ARG B 58 6.89 23.28 23.70
N LYS B 59 6.08 22.39 23.18
CA LYS B 59 6.64 21.05 22.94
C LYS B 59 6.04 20.47 21.67
N ALA B 60 6.68 19.48 21.15
CA ALA B 60 6.05 18.79 20.02
C ALA B 60 6.19 17.31 20.25
N THR B 61 5.93 16.53 19.23
CA THR B 61 6.00 15.07 19.35
C THR B 61 7.37 14.65 19.88
N ARG B 62 7.40 14.25 21.15
CA ARG B 62 8.63 13.76 21.75
C ARG B 62 9.77 14.74 21.54
N ARG B 63 9.45 16.02 21.67
CA ARG B 63 10.40 17.10 21.41
C ARG B 63 10.13 18.34 22.25
N LEU B 64 11.05 18.67 23.13
CA LEU B 64 10.92 19.95 23.84
C LEU B 64 11.32 21.05 22.88
N VAL B 65 10.35 21.87 22.47
CA VAL B 65 10.66 22.98 21.56
C VAL B 65 11.33 24.11 22.31
N GLN B 66 10.86 24.41 23.51
CA GLN B 66 11.46 25.47 24.31
C GLN B 66 10.85 25.47 25.70
N LEU B 67 11.63 25.91 26.67
CA LEU B 67 11.16 26.07 28.05
C LEU B 67 11.76 27.34 28.64
N ILE B 68 10.91 28.32 28.91
CA ILE B 68 11.30 29.54 29.61
C ILE B 68 10.90 29.35 31.07
N VAL B 69 11.87 29.28 31.97
CA VAL B 69 11.62 28.93 33.36
C VAL B 69 12.13 30.06 34.25
N SER B 70 11.40 30.38 35.32
CA SER B 70 11.76 31.35 36.40
C SER B 70 11.53 30.67 37.75
N GLY B 71 12.37 30.89 38.72
CA GLY B 71 12.23 30.22 40.02
C GLY B 71 12.85 31.02 41.14
N ARG B 72 12.89 30.48 42.34
CA ARG B 72 13.39 31.24 43.49
C ARG B 72 14.87 30.98 43.75
N ASP B 73 15.43 29.92 43.19
CA ASP B 73 16.85 29.56 43.44
C ASP B 73 17.33 28.57 42.37
N GLU B 74 18.40 27.81 42.61
CA GLU B 74 18.83 26.83 41.60
C GLU B 74 17.99 25.57 41.63
N GLN B 75 17.67 25.08 42.81
CA GLN B 75 17.02 23.79 42.81
C GLN B 75 15.56 23.92 42.44
N SER B 76 14.97 25.08 42.70
CA SER B 76 13.71 25.39 42.06
C SER B 76 13.79 25.17 40.54
N ILE B 77 14.68 25.91 39.87
CA ILE B 77 14.79 25.82 38.42
C ILE B 77 15.16 24.41 37.98
N ALA B 78 16.01 23.73 38.77
CA ALA B 78 16.38 22.36 38.44
C ALA B 78 15.16 21.45 38.44
N GLU B 79 14.31 21.58 39.46
CA GLU B 79 13.11 20.76 39.52
C GLU B 79 12.17 21.07 38.36
N ALA B 80 11.98 22.36 38.07
CA ALA B 80 11.15 22.73 36.93
C ALA B 80 11.67 22.12 35.64
N ILE B 81 12.99 22.22 35.41
CA ILE B 81 13.58 21.68 34.18
C ILE B 81 13.44 20.17 34.12
N ILE B 82 13.63 19.50 35.26
CA ILE B 82 13.50 18.05 35.28
C ILE B 82 12.09 17.64 34.88
N VAL B 83 11.09 18.29 35.48
CA VAL B 83 9.70 17.98 35.12
C VAL B 83 9.47 18.27 33.64
N ALA B 84 10.01 19.38 33.11
CA ALA B 84 9.74 19.72 31.71
C ALA B 84 10.36 18.72 30.71
N MET B 85 11.53 18.23 31.07
CA MET B 85 12.28 17.27 30.21
C MET B 85 11.57 15.91 30.28
N VAL B 86 11.09 15.55 31.47
CA VAL B 86 10.37 14.28 31.54
C VAL B 86 9.05 14.40 30.77
N PHE B 87 8.40 15.57 30.84
CA PHE B 87 7.14 15.77 30.13
C PHE B 87 7.33 15.75 28.62
N SER B 88 8.44 16.33 28.12
CA SER B 88 8.74 16.29 26.69
C SER B 88 8.50 14.91 26.09
N GLN B 89 8.90 13.87 26.81
CA GLN B 89 8.88 12.49 26.32
C GLN B 89 9.97 12.25 25.28
N GLU B 90 11.04 13.03 25.35
CA GLU B 90 12.12 12.94 24.38
C GLU B 90 12.88 11.62 24.52
N ASP B 91 13.38 11.13 23.38
CA ASP B 91 14.19 9.92 23.39
C ASP B 91 15.45 10.13 24.21
N CYS B 92 16.07 11.30 24.08
CA CYS B 92 17.15 11.68 25.00
C CYS B 92 16.84 11.27 26.44
N MET B 93 15.71 11.72 26.99
CA MET B 93 15.40 11.44 28.40
C MET B 93 15.17 9.95 28.62
N ILE B 94 14.48 9.27 27.69
CA ILE B 94 14.22 7.84 27.86
C ILE B 94 15.53 7.05 27.94
N LYS B 95 16.51 7.43 27.13
CA LYS B 95 17.79 6.73 27.16
C LYS B 95 18.68 7.19 28.31
N ALA B 96 18.44 8.39 28.84
CA ALA B 96 19.20 8.88 29.98
C ALA B 96 18.92 8.12 31.26
N VAL B 97 17.93 7.23 31.28
CA VAL B 97 17.62 6.42 32.46
C VAL B 97 18.76 5.44 32.74
N ARG B 98 19.70 5.85 33.58
CA ARG B 98 20.85 5.01 33.91
C ARG B 98 21.10 4.92 35.41
N ASN B 102 19.24 -0.12 37.02
CA ASN B 102 18.42 1.08 36.80
C ASN B 102 17.11 0.74 36.08
N PHE B 103 16.43 -0.27 36.60
CA PHE B 103 15.05 -0.54 36.26
C PHE B 103 14.15 0.27 37.17
N VAL B 104 12.96 0.61 36.67
CA VAL B 104 12.07 1.54 37.37
C VAL B 104 10.95 0.76 38.04
N ASN B 105 10.75 1.02 39.32
CA ASN B 105 9.74 0.39 40.17
C ASN B 105 9.10 -0.86 39.59
N LEU B 111 4.78 2.75 40.25
CA LEU B 111 3.97 2.38 39.10
C LEU B 111 3.52 3.59 38.29
N ASN B 112 3.37 3.39 36.98
CA ASN B 112 2.91 4.36 35.99
C ASN B 112 4.15 4.81 35.22
N PRO B 113 4.19 4.77 33.87
CA PRO B 113 5.47 4.98 33.19
C PRO B 113 6.03 6.40 33.30
N MET B 114 5.20 7.40 32.98
CA MET B 114 5.64 8.79 33.09
C MET B 114 6.10 9.10 34.51
N HIS B 115 5.35 8.63 35.51
CA HIS B 115 5.71 8.87 36.89
C HIS B 115 6.94 8.07 37.31
N GLN B 116 7.12 6.87 36.76
CA GLN B 116 8.36 6.13 37.00
C GLN B 116 9.56 6.95 36.56
N LEU B 117 9.47 7.52 35.37
CA LEU B 117 10.52 8.37 34.79
C LEU B 117 10.78 9.52 35.73
N LEU B 118 9.77 10.34 35.97
CA LEU B 118 9.85 11.51 36.88
C LEU B 118 10.47 11.11 38.23
N ARG B 119 10.07 10.00 38.80
CA ARG B 119 10.63 9.67 40.12
C ARG B 119 12.11 9.41 40.00
N HIS B 120 12.52 8.56 39.06
CA HIS B 120 13.92 8.25 38.79
C HIS B 120 14.73 9.52 38.58
N PHE B 121 14.28 10.41 37.75
CA PHE B 121 15.02 11.64 37.45
C PHE B 121 14.93 12.67 38.58
N GLN B 122 14.06 12.49 39.58
CA GLN B 122 13.94 13.51 40.64
C GLN B 122 15.05 13.32 41.66
N LYS B 123 15.50 12.10 41.80
CA LYS B 123 16.57 11.83 42.80
C LYS B 123 17.95 12.13 42.21
N ASP B 124 18.07 12.19 40.88
CA ASP B 124 19.36 12.46 40.24
C ASP B 124 19.16 12.75 38.78
N ALA B 125 19.51 13.95 38.39
CA ALA B 125 19.37 14.45 37.01
C ALA B 125 20.71 14.62 36.32
N LYS B 126 21.77 14.00 36.84
CA LYS B 126 23.10 14.19 36.26
C LYS B 126 23.17 13.62 34.84
N VAL B 127 22.85 12.32 34.70
CA VAL B 127 22.84 11.71 33.38
C VAL B 127 21.79 12.37 32.49
N LEU B 128 20.61 12.65 33.06
CA LEU B 128 19.57 13.33 32.29
C LEU B 128 20.07 14.65 31.76
N PHE B 129 20.57 15.52 32.64
CA PHE B 129 20.99 16.85 32.22
C PHE B 129 22.12 16.77 31.20
N GLN B 130 23.14 15.96 31.49
CA GLN B 130 24.33 15.93 30.66
C GLN B 130 24.11 15.28 29.31
N ASN B 131 23.03 14.50 29.15
CA ASN B 131 22.72 13.88 27.87
C ASN B 131 21.62 14.63 27.11
N TRP B 132 21.12 15.74 27.66
CA TRP B 132 20.05 16.48 26.99
C TRP B 132 20.58 17.23 25.78
N GLY B 133 21.76 17.82 25.88
CA GLY B 133 22.33 18.58 24.78
C GLY B 133 22.45 20.05 25.11
N ILE B 134 23.48 20.68 24.54
CA ILE B 134 23.75 22.10 24.77
C ILE B 134 23.70 22.83 23.43
N GLU B 135 23.58 24.16 23.52
CA GLU B 135 23.40 24.99 22.34
C GLU B 135 23.85 26.41 22.67
N HIS B 136 24.05 27.20 21.61
CA HIS B 136 24.35 28.61 21.74
C HIS B 136 23.06 29.43 21.75
N ILE B 137 23.01 30.45 22.61
CA ILE B 137 21.88 31.35 22.73
C ILE B 137 22.22 32.69 22.08
N ASP B 138 21.25 33.25 21.35
CA ASP B 138 21.46 34.51 20.64
C ASP B 138 21.16 35.75 21.48
N ASN B 139 20.66 35.58 22.70
CA ASN B 139 20.36 36.68 23.62
C ASN B 139 19.25 37.60 23.13
N VAL B 140 18.43 37.16 22.18
CA VAL B 140 17.38 38.02 21.67
C VAL B 140 16.24 38.19 22.67
N MET B 141 16.15 37.34 23.68
CA MET B 141 15.15 37.47 24.73
C MET B 141 15.68 38.09 26.00
N GLY B 142 16.98 38.37 26.07
CA GLY B 142 17.56 38.93 27.28
C GLY B 142 17.55 37.98 28.45
N MET B 143 17.53 36.67 28.19
CA MET B 143 17.49 35.66 29.24
C MET B 143 18.88 35.07 29.43
N VAL B 144 18.98 34.11 30.35
CA VAL B 144 20.25 33.49 30.68
C VAL B 144 20.18 32.00 30.42
N GLY B 145 21.30 31.43 29.95
CA GLY B 145 21.40 29.99 29.78
C GLY B 145 21.96 29.32 31.02
N VAL B 146 21.80 28.01 31.08
CA VAL B 146 22.26 27.21 32.21
C VAL B 146 22.84 25.91 31.67
N LEU B 147 24.06 25.59 32.07
CA LEU B 147 24.73 24.38 31.61
C LEU B 147 24.32 23.18 32.44
N PRO B 148 24.69 21.96 32.01
CA PRO B 148 24.24 20.75 32.72
C PRO B 148 24.53 20.75 34.20
N ASP B 149 25.53 21.49 34.66
CA ASP B 149 25.82 21.57 36.09
C ASP B 149 25.17 22.79 36.73
N MET B 150 24.22 23.43 36.05
CA MET B 150 23.47 24.58 36.54
C MET B 150 24.30 25.85 36.67
N THR B 151 25.51 25.88 36.15
CA THR B 151 26.24 27.14 36.11
C THR B 151 25.63 28.06 35.06
N PRO B 152 25.31 29.31 35.39
CA PRO B 152 24.74 30.20 34.38
C PRO B 152 25.75 30.53 33.29
N SER B 153 25.22 30.97 32.15
CA SER B 153 26.02 31.39 31.01
C SER B 153 25.15 32.23 30.09
N THR B 154 25.78 33.21 29.44
CA THR B 154 25.11 34.10 28.52
C THR B 154 25.42 33.77 27.06
N GLU B 155 26.11 32.67 26.80
CA GLU B 155 26.36 32.22 25.44
C GLU B 155 26.06 30.74 25.22
N MET B 156 25.82 29.97 26.28
CA MET B 156 25.52 28.55 26.14
C MET B 156 24.41 28.17 27.10
N SER B 157 23.62 27.17 26.71
CA SER B 157 22.51 26.72 27.52
C SER B 157 22.10 25.32 27.10
N MET B 158 21.54 24.56 28.04
CA MET B 158 20.92 23.30 27.69
C MET B 158 19.89 23.54 26.59
N ARG B 159 19.82 22.61 25.64
CA ARG B 159 19.00 22.79 24.45
C ARG B 159 17.56 23.13 24.82
N GLY B 160 17.09 24.29 24.34
CA GLY B 160 15.73 24.71 24.55
C GLY B 160 15.44 25.36 25.89
N ILE B 161 16.37 25.30 26.84
CA ILE B 161 16.13 25.82 28.19
C ILE B 161 16.62 27.25 28.26
N ARG B 162 15.78 28.12 28.83
CA ARG B 162 16.12 29.50 29.09
C ARG B 162 15.62 29.87 30.48
N VAL B 163 16.37 30.70 31.18
CA VAL B 163 16.05 31.12 32.54
C VAL B 163 15.71 32.60 32.50
N SER B 164 14.48 32.94 32.88
CA SER B 164 14.06 34.32 32.97
C SER B 164 14.10 34.79 34.43
N LYS B 165 13.66 36.03 34.66
CA LYS B 165 13.66 36.59 36.00
C LYS B 165 12.23 36.83 36.49
N SER C 4 -18.35 6.19 -0.29
CA SER C 4 -17.92 5.45 -1.47
C SER C 4 -17.99 6.33 -2.80
N SER C 5 -18.71 7.46 -2.81
CA SER C 5 -18.53 8.48 -3.85
C SER C 5 -17.72 9.65 -3.30
N PHE C 6 -17.00 10.36 -4.19
CA PHE C 6 -16.35 11.62 -3.79
C PHE C 6 -16.32 12.61 -4.96
N SER C 7 -15.76 13.79 -4.71
CA SER C 7 -15.73 14.85 -5.71
C SER C 7 -14.31 15.37 -5.91
N PHE C 8 -13.97 15.70 -7.16
CA PHE C 8 -12.65 16.21 -7.49
C PHE C 8 -12.75 17.01 -8.79
N GLY C 9 -12.34 18.27 -8.74
CA GLY C 9 -12.33 19.10 -9.94
C GLY C 9 -13.69 19.23 -10.59
N GLY C 10 -14.75 19.27 -9.78
CA GLY C 10 -16.10 19.37 -10.33
C GLY C 10 -16.67 18.07 -10.85
N PHE C 11 -15.96 16.96 -10.69
CA PHE C 11 -16.40 15.66 -11.17
C PHE C 11 -16.72 14.75 -10.00
N THR C 12 -17.80 14.00 -10.11
CA THR C 12 -18.16 12.99 -9.12
C THR C 12 -17.47 11.70 -9.50
N PHE C 13 -16.52 11.27 -8.66
CA PHE C 13 -15.82 10.00 -8.81
C PHE C 13 -16.54 8.93 -8.01
N LYS C 14 -16.67 7.75 -8.62
CA LYS C 14 -17.23 6.58 -7.94
C LYS C 14 -16.45 5.35 -8.35
N ARG C 15 -15.78 4.71 -7.39
CA ARG C 15 -15.03 3.51 -7.69
C ARG C 15 -15.97 2.34 -7.97
N THR C 16 -15.76 1.69 -9.11
CA THR C 16 -16.59 0.56 -9.52
C THR C 16 -15.91 -0.79 -9.31
N SER C 17 -14.63 -0.81 -8.96
CA SER C 17 -13.89 -2.05 -8.78
C SER C 17 -12.51 -1.72 -8.23
N GLY C 18 -11.83 -2.75 -7.73
CA GLY C 18 -10.46 -2.60 -7.29
C GLY C 18 -10.32 -2.04 -5.90
N SER C 19 -9.07 -1.91 -5.47
CA SER C 19 -8.74 -1.52 -4.11
C SER C 19 -7.50 -0.64 -4.15
N SER C 20 -7.30 0.12 -3.08
CA SER C 20 -6.07 0.88 -2.93
C SER C 20 -5.75 1.05 -1.46
N ILE C 21 -4.46 0.99 -1.13
CA ILE C 21 -3.96 1.36 0.18
C ILE C 21 -3.22 2.68 0.05
N LYS C 22 -3.00 3.34 1.19
CA LYS C 22 -2.35 4.63 1.19
C LYS C 22 -0.88 4.50 1.55
N ARG C 23 -0.08 5.44 1.04
CA ARG C 23 1.35 5.45 1.34
C ARG C 23 1.87 6.88 1.21
N GLU C 24 2.58 7.34 2.22
CA GLU C 24 3.12 8.70 2.20
C GLU C 24 4.35 8.74 1.30
N GLU C 25 4.43 9.78 0.46
CA GLU C 25 5.50 9.89 -0.50
C GLU C 25 5.90 11.34 -0.69
N GLU C 26 7.20 11.58 -0.79
CA GLU C 26 7.75 12.90 -1.04
C GLU C 26 8.04 13.02 -2.53
N VAL C 27 7.35 13.96 -3.19
CA VAL C 27 7.53 14.20 -4.60
C VAL C 27 8.16 15.58 -4.78
N LEU C 28 8.67 15.81 -5.98
CA LEU C 28 9.41 17.02 -6.32
C LEU C 28 8.82 17.59 -7.60
N THR C 29 8.12 18.71 -7.48
CA THR C 29 7.46 19.33 -8.62
C THR C 29 8.48 19.83 -9.65
N GLY C 30 7.95 20.22 -10.82
CA GLY C 30 8.73 20.82 -11.88
C GLY C 30 9.49 22.05 -11.42
N ASN C 31 8.98 22.68 -10.35
CA ASN C 31 9.61 23.85 -9.77
C ASN C 31 10.45 23.50 -8.56
N LEU C 32 10.86 22.24 -8.46
CA LEU C 32 11.72 21.79 -7.36
C LEU C 32 11.10 22.13 -6.00
N GLN C 33 9.77 22.09 -5.91
CA GLN C 33 9.05 22.28 -4.66
C GLN C 33 8.64 20.93 -4.13
N THR C 34 8.96 20.65 -2.87
CA THR C 34 8.64 19.36 -2.27
C THR C 34 7.20 19.29 -1.81
N LEU C 35 6.51 18.22 -2.19
CA LEU C 35 5.14 17.96 -1.75
C LEU C 35 5.05 16.59 -1.11
N LYS C 36 4.21 16.48 -0.08
CA LYS C 36 3.97 15.21 0.60
C LYS C 36 2.61 14.70 0.16
N ILE C 37 2.62 13.76 -0.78
CA ILE C 37 1.40 13.20 -1.33
C ILE C 37 1.10 11.91 -0.59
N ARG C 38 -0.16 11.61 -0.64
CA ARG C 38 -0.67 10.34 -0.13
C ARG C 38 -0.96 9.57 -1.41
N VAL C 39 -0.06 8.70 -1.79
CA VAL C 39 -0.26 7.98 -3.04
C VAL C 39 -1.08 6.74 -2.75
N HIS C 40 -2.01 6.41 -3.66
CA HIS C 40 -2.85 5.23 -3.53
C HIS C 40 -2.26 4.11 -4.38
N GLU C 41 -1.99 2.99 -3.74
CA GLU C 41 -1.36 1.82 -4.35
C GLU C 41 -2.43 0.77 -4.64
N GLY C 42 -2.41 0.24 -5.85
CA GLY C 42 -3.35 -0.76 -6.28
C GLY C 42 -4.03 -0.35 -7.58
N TYR C 43 -4.73 -1.33 -8.17
CA TYR C 43 -5.48 -1.10 -9.39
C TYR C 43 -6.93 -0.78 -9.04
N GLU C 44 -7.44 0.30 -9.63
CA GLU C 44 -8.79 0.75 -9.36
C GLU C 44 -9.43 1.26 -10.65
N GLU C 45 -10.75 1.16 -10.71
CA GLU C 45 -11.52 1.69 -11.81
C GLU C 45 -12.59 2.63 -11.27
N PHE C 46 -12.82 3.74 -11.97
CA PHE C 46 -13.71 4.79 -11.50
C PHE C 46 -14.59 5.27 -12.63
N THR C 47 -15.78 5.74 -12.26
CA THR C 47 -16.62 6.56 -13.12
C THR C 47 -16.48 8.01 -12.69
N MET C 48 -16.27 8.90 -13.66
CA MET C 48 -16.29 10.34 -13.45
C MET C 48 -17.50 10.91 -14.15
N VAL C 49 -18.36 11.58 -13.39
CA VAL C 49 -19.58 12.19 -13.93
C VAL C 49 -19.48 13.70 -13.75
N GLY C 50 -19.73 14.43 -14.83
CA GLY C 50 -19.66 15.88 -14.80
C GLY C 50 -20.79 16.50 -15.58
N LYS C 51 -20.90 17.82 -15.47
CA LYS C 51 -21.98 18.54 -16.12
C LYS C 51 -21.85 18.51 -17.64
N ARG C 52 -20.62 18.53 -18.15
CA ARG C 52 -20.39 18.55 -19.59
C ARG C 52 -19.53 17.40 -20.07
N ALA C 53 -19.36 16.35 -19.27
CA ALA C 53 -18.47 15.28 -19.70
C ALA C 53 -18.60 14.08 -18.75
N THR C 54 -18.41 12.89 -19.33
CA THR C 54 -18.38 11.65 -18.59
C THR C 54 -17.10 10.91 -18.94
N ALA C 55 -16.68 10.02 -18.04
CA ALA C 55 -15.45 9.29 -18.31
C ALA C 55 -15.38 8.02 -17.47
N ILE C 56 -14.71 7.01 -18.01
CA ILE C 56 -14.25 5.85 -17.27
C ILE C 56 -12.74 5.96 -17.12
N LEU C 57 -12.24 5.73 -15.91
CA LEU C 57 -10.82 5.91 -15.62
C LEU C 57 -10.30 4.69 -14.86
N ARG C 58 -9.41 3.93 -15.48
CA ARG C 58 -8.70 2.85 -14.82
C ARG C 58 -7.30 3.32 -14.51
N LYS C 59 -6.85 3.09 -13.28
CA LYS C 59 -5.56 3.57 -12.81
C LYS C 59 -4.90 2.53 -11.94
N ALA C 60 -3.57 2.62 -11.86
CA ALA C 60 -2.74 1.84 -10.96
C ALA C 60 -1.97 2.79 -10.06
N THR C 61 -0.98 2.25 -9.34
CA THR C 61 -0.14 3.08 -8.49
C THR C 61 0.57 4.11 -9.34
N ARG C 62 0.22 5.38 -9.17
CA ARG C 62 0.80 6.48 -9.95
C ARG C 62 0.81 6.12 -11.43
N ARG C 63 -0.27 5.54 -11.93
CA ARG C 63 -0.38 5.24 -13.38
C ARG C 63 -1.80 5.40 -13.89
N LEU C 64 -2.04 6.30 -14.82
CA LEU C 64 -3.33 6.33 -15.50
C LEU C 64 -3.31 5.16 -16.47
N VAL C 65 -4.09 4.12 -16.19
CA VAL C 65 -4.10 2.95 -17.07
C VAL C 65 -4.87 3.25 -18.34
N GLN C 66 -6.00 3.94 -18.23
CA GLN C 66 -6.80 4.27 -19.40
C GLN C 66 -7.91 5.23 -18.99
N LEU C 67 -8.31 6.08 -19.93
CA LEU C 67 -9.43 6.99 -19.70
C LEU C 67 -10.25 7.09 -20.99
N ILE C 68 -11.46 6.55 -20.97
CA ILE C 68 -12.41 6.71 -22.06
C ILE C 68 -13.36 7.84 -21.67
N VAL C 69 -13.28 8.96 -22.39
CA VAL C 69 -13.98 10.18 -22.04
C VAL C 69 -14.84 10.62 -23.22
N SER C 70 -16.05 11.10 -22.91
CA SER C 70 -16.92 11.74 -23.88
C SER C 70 -17.38 13.07 -23.28
N GLY C 71 -17.65 14.04 -24.15
CA GLY C 71 -18.01 15.39 -23.69
C GLY C 71 -18.76 16.19 -24.72
N ARG C 72 -19.17 17.40 -24.38
CA ARG C 72 -20.01 18.29 -25.22
C ARG C 72 -19.15 19.14 -26.16
N ASP C 73 -17.96 19.54 -25.75
CA ASP C 73 -17.05 20.39 -26.56
C ASP C 73 -15.61 20.00 -26.27
N GLU C 74 -14.64 20.76 -26.80
CA GLU C 74 -13.24 20.36 -26.70
C GLU C 74 -12.68 20.50 -25.29
N GLN C 75 -13.03 21.58 -24.58
CA GLN C 75 -12.51 21.76 -23.21
C GLN C 75 -13.33 21.05 -22.16
N SER C 76 -14.53 20.60 -22.52
CA SER C 76 -15.25 19.71 -21.58
C SER C 76 -14.38 18.46 -21.44
N ILE C 77 -14.02 17.85 -22.56
CA ILE C 77 -13.15 16.68 -22.55
C ILE C 77 -11.78 17.04 -21.99
N ALA C 78 -11.31 18.25 -22.28
CA ALA C 78 -10.01 18.69 -21.77
C ALA C 78 -10.00 18.73 -20.25
N GLU C 79 -11.05 19.29 -19.63
CA GLU C 79 -11.12 19.34 -18.17
C GLU C 79 -11.23 17.95 -17.59
N ALA C 80 -12.03 17.09 -18.20
CA ALA C 80 -12.09 15.70 -17.74
C ALA C 80 -10.69 15.09 -17.76
N ILE C 81 -9.94 15.30 -18.85
CA ILE C 81 -8.60 14.74 -18.99
C ILE C 81 -7.67 15.33 -17.94
N ILE C 82 -7.77 16.63 -17.69
CA ILE C 82 -6.90 17.28 -16.70
C ILE C 82 -7.14 16.69 -15.32
N VAL C 83 -8.41 16.62 -14.91
CA VAL C 83 -8.71 16.06 -13.60
C VAL C 83 -8.22 14.61 -13.51
N ALA C 84 -8.43 13.84 -14.58
CA ALA C 84 -8.01 12.45 -14.57
C ALA C 84 -6.49 12.34 -14.49
N MET C 85 -5.76 13.19 -15.20
CA MET C 85 -4.28 13.14 -15.16
C MET C 85 -3.75 13.56 -13.79
N VAL C 86 -4.35 14.55 -13.15
CA VAL C 86 -3.89 14.92 -11.81
C VAL C 86 -4.23 13.82 -10.82
N PHE C 87 -5.43 13.22 -10.97
CA PHE C 87 -5.88 12.11 -10.10
C PHE C 87 -4.92 10.93 -10.23
N SER C 88 -4.41 10.74 -11.42
CA SER C 88 -3.41 9.73 -11.85
C SER C 88 -2.26 9.57 -10.87
N GLN C 89 -1.68 10.68 -10.48
CA GLN C 89 -0.53 10.83 -9.54
C GLN C 89 0.76 10.53 -10.29
N GLU C 90 0.70 10.63 -11.60
CA GLU C 90 1.87 10.28 -12.38
C GLU C 90 2.97 11.31 -12.17
N ASP C 91 4.22 10.82 -12.18
CA ASP C 91 5.36 11.73 -11.98
C ASP C 91 5.45 12.75 -13.09
N CYS C 92 5.27 12.33 -14.35
CA CYS C 92 5.12 13.28 -15.46
C CYS C 92 4.27 14.49 -15.06
N MET C 93 3.08 14.24 -14.53
CA MET C 93 2.19 15.35 -14.17
C MET C 93 2.80 16.22 -13.09
N ILE C 94 3.45 15.60 -12.09
CA ILE C 94 4.09 16.38 -11.03
C ILE C 94 5.17 17.29 -11.61
N LYS C 95 5.90 16.79 -12.62
CA LYS C 95 6.98 17.55 -13.24
C LYS C 95 6.48 18.56 -14.25
N ALA C 96 5.25 18.41 -14.73
CA ALA C 96 4.69 19.37 -15.66
C ALA C 96 4.46 20.73 -15.03
N VAL C 97 4.61 20.85 -13.71
CA VAL C 97 4.56 22.14 -13.04
C VAL C 97 5.77 22.94 -13.47
N ARG C 98 5.84 23.25 -14.77
CA ARG C 98 7.00 23.92 -15.36
C ARG C 98 6.60 25.19 -16.10
N ASN C 102 6.67 27.99 -10.62
CA ASN C 102 5.38 27.32 -10.52
C ASN C 102 5.07 26.88 -9.10
N PHE C 103 4.75 27.84 -8.24
CA PHE C 103 4.30 27.56 -6.89
C PHE C 103 2.79 27.28 -6.89
N VAL C 104 2.36 26.42 -5.98
CA VAL C 104 0.99 25.94 -5.91
C VAL C 104 0.31 26.54 -4.69
N ASN C 105 -0.89 27.11 -4.90
CA ASN C 105 -1.72 27.75 -3.88
C ASN C 105 -1.00 27.99 -2.55
N LEU C 111 -2.33 23.61 2.55
CA LEU C 111 -3.47 23.14 1.79
C LEU C 111 -3.26 21.70 1.31
N ASN C 112 -4.26 21.15 0.63
CA ASN C 112 -4.16 19.76 0.20
C ASN C 112 -3.37 19.68 -1.10
N PRO C 113 -2.43 18.73 -1.23
CA PRO C 113 -1.57 18.75 -2.42
C PRO C 113 -2.31 18.44 -3.71
N MET C 114 -3.18 17.42 -3.69
CA MET C 114 -3.96 17.09 -4.88
C MET C 114 -4.74 18.29 -5.39
N HIS C 115 -5.36 19.06 -4.48
CA HIS C 115 -6.11 20.23 -4.90
C HIS C 115 -5.20 21.34 -5.41
N GLN C 116 -4.02 21.49 -4.81
CA GLN C 116 -3.04 22.44 -5.32
C GLN C 116 -2.67 22.11 -6.77
N LEU C 117 -2.30 20.85 -7.03
CA LEU C 117 -1.95 20.43 -8.38
C LEU C 117 -3.11 20.64 -9.34
N LEU C 118 -4.33 20.25 -8.94
CA LEU C 118 -5.46 20.39 -9.84
C LEU C 118 -5.71 21.85 -10.19
N ARG C 119 -5.64 22.73 -9.20
CA ARG C 119 -5.87 24.19 -9.42
C ARG C 119 -4.76 24.76 -10.30
N HIS C 120 -3.51 24.37 -10.08
CA HIS C 120 -2.41 24.77 -10.95
C HIS C 120 -2.68 24.38 -12.41
N PHE C 121 -3.00 23.10 -12.64
CA PHE C 121 -3.14 22.62 -14.01
C PHE C 121 -4.45 23.07 -14.66
N GLN C 122 -5.43 23.52 -13.87
CA GLN C 122 -6.59 24.18 -14.45
C GLN C 122 -6.23 25.60 -14.87
N LYS C 123 -5.19 26.18 -14.26
CA LYS C 123 -4.71 27.48 -14.70
C LYS C 123 -4.13 27.40 -16.11
N ASP C 124 -3.47 26.29 -16.45
CA ASP C 124 -2.97 26.05 -17.80
C ASP C 124 -2.52 24.59 -17.94
N ALA C 125 -2.96 23.92 -19.00
CA ALA C 125 -2.71 22.49 -19.18
C ALA C 125 -1.82 22.19 -20.37
N LYS C 126 -1.13 23.18 -20.92
CA LYS C 126 -0.28 22.92 -22.09
C LYS C 126 0.93 22.08 -21.72
N VAL C 127 1.69 22.51 -20.71
CA VAL C 127 2.85 21.75 -20.28
C VAL C 127 2.43 20.35 -19.80
N LEU C 128 1.31 20.28 -19.09
CA LEU C 128 0.81 18.98 -18.63
C LEU C 128 0.62 18.04 -19.82
N PHE C 129 -0.15 18.46 -20.82
CA PHE C 129 -0.43 17.61 -21.98
C PHE C 129 0.85 17.28 -22.74
N GLN C 130 1.70 18.28 -22.97
CA GLN C 130 2.85 18.09 -23.86
C GLN C 130 3.89 17.15 -23.27
N ASN C 131 3.89 16.94 -21.95
CA ASN C 131 4.81 16.02 -21.31
C ASN C 131 4.15 14.70 -20.91
N TRP C 132 2.86 14.53 -21.22
CA TRP C 132 2.16 13.32 -20.82
C TRP C 132 2.59 12.12 -21.65
N GLY C 133 2.78 12.31 -22.94
CA GLY C 133 3.16 11.22 -23.82
C GLY C 133 2.07 10.89 -24.83
N ILE C 134 2.49 10.46 -26.00
CA ILE C 134 1.58 10.11 -27.09
C ILE C 134 1.79 8.65 -27.48
N GLU C 135 0.81 8.12 -28.20
CA GLU C 135 0.81 6.70 -28.54
C GLU C 135 -0.03 6.50 -29.79
N HIS C 136 0.12 5.32 -30.39
CA HIS C 136 -0.71 4.91 -31.52
C HIS C 136 -1.94 4.20 -31.00
N ILE C 137 -3.08 4.48 -31.60
CA ILE C 137 -4.34 3.82 -31.24
C ILE C 137 -4.64 2.77 -32.29
N ASP C 138 -5.07 1.58 -31.83
CA ASP C 138 -5.36 0.47 -32.73
C ASP C 138 -6.79 0.46 -33.25
N ASN C 139 -7.64 1.35 -32.74
CA ASN C 139 -9.03 1.45 -33.16
C ASN C 139 -9.85 0.23 -32.79
N VAL C 140 -9.35 -0.59 -31.85
CA VAL C 140 -10.07 -1.80 -31.46
C VAL C 140 -11.34 -1.46 -30.69
N MET C 141 -11.44 -0.24 -30.18
CA MET C 141 -12.65 0.24 -29.50
C MET C 141 -13.49 1.15 -30.37
N GLY C 142 -13.04 1.44 -31.59
CA GLY C 142 -13.78 2.32 -32.48
C GLY C 142 -13.83 3.76 -32.00
N MET C 143 -12.86 4.18 -31.20
CA MET C 143 -12.81 5.53 -30.66
C MET C 143 -11.78 6.35 -31.42
N VAL C 144 -11.66 7.62 -31.05
CA VAL C 144 -10.72 8.55 -31.66
C VAL C 144 -9.79 9.09 -30.58
N GLY C 145 -8.55 9.36 -30.97
CA GLY C 145 -7.55 9.86 -30.04
C GLY C 145 -7.58 11.38 -29.89
N VAL C 146 -6.82 11.86 -28.90
CA VAL C 146 -6.75 13.27 -28.61
C VAL C 146 -5.27 13.64 -28.44
N LEU C 147 -4.84 14.62 -29.21
CA LEU C 147 -3.46 15.07 -29.19
C LEU C 147 -3.27 16.14 -28.13
N PRO C 148 -2.02 16.48 -27.82
CA PRO C 148 -1.76 17.46 -26.76
C PRO C 148 -2.49 18.79 -26.93
N ASP C 149 -2.83 19.13 -28.17
CA ASP C 149 -3.55 20.36 -28.46
C ASP C 149 -5.05 20.13 -28.65
N MET C 150 -5.56 18.97 -28.22
CA MET C 150 -6.96 18.59 -28.34
C MET C 150 -7.39 18.33 -29.78
N THR C 151 -6.46 18.26 -30.72
CA THR C 151 -6.82 17.88 -32.07
C THR C 151 -7.17 16.41 -32.12
N PRO C 152 -8.30 16.03 -32.71
CA PRO C 152 -8.61 14.61 -32.85
C PRO C 152 -7.60 13.96 -33.78
N SER C 153 -7.54 12.64 -33.68
CA SER C 153 -6.69 11.83 -34.54
C SER C 153 -7.22 10.40 -34.49
N THR C 154 -7.09 9.71 -35.63
CA THR C 154 -7.53 8.33 -35.81
C THR C 154 -6.37 7.34 -35.81
N GLU C 155 -5.13 7.81 -35.53
CA GLU C 155 -4.00 6.93 -35.35
C GLU C 155 -3.15 7.27 -34.14
N MET C 156 -3.35 8.43 -33.51
CA MET C 156 -2.54 8.83 -32.37
C MET C 156 -3.42 9.48 -31.31
N SER C 157 -2.99 9.35 -30.06
CA SER C 157 -3.70 9.90 -28.92
C SER C 157 -2.73 10.03 -27.76
N MET C 158 -3.02 10.98 -26.87
CA MET C 158 -2.29 11.05 -25.61
C MET C 158 -2.35 9.69 -24.92
N ARG C 159 -1.24 9.32 -24.28
CA ARG C 159 -1.11 7.97 -23.72
C ARG C 159 -2.30 7.64 -22.82
N GLY C 160 -3.01 6.57 -23.18
CA GLY C 160 -4.13 6.09 -22.39
C GLY C 160 -5.44 6.81 -22.59
N ILE C 161 -5.45 7.94 -23.29
CA ILE C 161 -6.67 8.74 -23.44
C ILE C 161 -7.38 8.33 -24.72
N ARG C 162 -8.69 8.13 -24.63
CA ARG C 162 -9.53 7.84 -25.78
C ARG C 162 -10.84 8.62 -25.62
N VAL C 163 -11.38 9.10 -26.74
CA VAL C 163 -12.61 9.88 -26.74
C VAL C 163 -13.68 9.14 -27.51
N SER C 164 -14.76 8.79 -26.81
CA SER C 164 -15.96 8.24 -27.42
C SER C 164 -17.00 9.36 -27.49
N LYS C 165 -18.22 9.02 -27.89
CA LYS C 165 -19.28 10.01 -28.00
C LYS C 165 -20.32 9.77 -26.92
N MET C 166 -21.25 10.73 -26.80
CA MET C 166 -22.26 10.71 -25.74
C MET C 166 -22.96 9.35 -25.63
N SER D 4 -32.24 -4.71 -18.84
CA SER D 4 -30.88 -4.27 -19.14
C SER D 4 -29.84 -5.25 -18.62
N SER D 5 -30.28 -6.12 -17.71
CA SER D 5 -29.48 -7.22 -17.21
C SER D 5 -29.91 -8.49 -17.93
N PHE D 6 -28.98 -9.45 -18.05
CA PHE D 6 -29.37 -10.75 -18.58
C PHE D 6 -28.52 -11.84 -17.94
N SER D 7 -28.78 -13.08 -18.32
CA SER D 7 -28.09 -14.23 -17.76
C SER D 7 -27.49 -15.06 -18.89
N PHE D 8 -26.30 -15.59 -18.63
CA PHE D 8 -25.58 -16.39 -19.63
C PHE D 8 -24.58 -17.28 -18.90
N GLY D 9 -24.68 -18.59 -19.11
CA GLY D 9 -23.72 -19.52 -18.53
C GLY D 9 -23.64 -19.44 -17.03
N GLY D 10 -24.76 -19.19 -16.36
CA GLY D 10 -24.78 -19.07 -14.92
C GLY D 10 -24.28 -17.75 -14.38
N PHE D 11 -23.95 -16.80 -15.25
CA PHE D 11 -23.44 -15.50 -14.85
C PHE D 11 -24.44 -14.41 -15.22
N THR D 12 -24.64 -13.46 -14.33
CA THR D 12 -25.49 -12.31 -14.59
C THR D 12 -24.63 -11.24 -15.25
N PHE D 13 -24.94 -10.93 -16.51
CA PHE D 13 -24.29 -9.86 -17.25
C PHE D 13 -25.06 -8.57 -17.06
N LYS D 14 -24.31 -7.48 -16.87
CA LYS D 14 -24.87 -6.15 -16.74
C LYS D 14 -23.97 -5.17 -17.48
N ARG D 15 -24.49 -4.55 -18.54
CA ARG D 15 -23.71 -3.57 -19.28
C ARG D 15 -23.54 -2.30 -18.47
N THR D 16 -22.29 -1.87 -18.30
CA THR D 16 -21.98 -0.67 -17.53
C THR D 16 -21.64 0.54 -18.40
N SER D 17 -21.42 0.34 -19.71
CA SER D 17 -21.08 1.44 -20.61
C SER D 17 -21.06 0.89 -22.03
N GLY D 18 -21.07 1.83 -22.99
CA GLY D 18 -20.93 1.48 -24.39
C GLY D 18 -22.24 1.05 -25.04
N SER D 19 -22.15 0.76 -26.33
CA SER D 19 -23.33 0.49 -27.15
C SER D 19 -22.98 -0.58 -28.17
N SER D 20 -24.02 -1.22 -28.70
CA SER D 20 -23.83 -2.19 -29.77
C SER D 20 -25.06 -2.22 -30.67
N ILE D 21 -24.82 -2.43 -31.96
CA ILE D 21 -25.87 -2.71 -32.92
C ILE D 21 -25.83 -4.19 -33.27
N LYS D 22 -26.93 -4.70 -33.80
CA LYS D 22 -27.01 -6.11 -34.14
C LYS D 22 -26.82 -6.31 -35.65
N ARG D 23 -26.27 -7.47 -36.01
CA ARG D 23 -26.15 -7.78 -37.44
C ARG D 23 -26.07 -9.29 -37.61
N GLU D 24 -26.87 -9.84 -38.52
CA GLU D 24 -26.85 -11.27 -38.74
C GLU D 24 -25.61 -11.67 -39.55
N GLU D 25 -24.98 -12.76 -39.15
CA GLU D 25 -23.76 -13.24 -39.79
C GLU D 25 -23.72 -14.76 -39.79
N GLU D 26 -23.29 -15.31 -40.93
CA GLU D 26 -23.14 -16.75 -41.11
C GLU D 26 -21.66 -17.11 -40.91
N VAL D 27 -21.40 -17.91 -39.89
CA VAL D 27 -20.05 -18.36 -39.57
C VAL D 27 -19.98 -19.88 -39.78
N LEU D 28 -18.75 -20.40 -39.80
CA LEU D 28 -18.51 -21.83 -40.06
C LEU D 28 -17.62 -22.37 -38.94
N THR D 29 -18.18 -23.23 -38.10
CA THR D 29 -17.44 -23.77 -36.98
C THR D 29 -16.25 -24.61 -37.46
N GLY D 30 -15.38 -24.95 -36.51
CA GLY D 30 -14.25 -25.82 -36.78
C GLY D 30 -14.61 -27.15 -37.42
N ASN D 31 -15.85 -27.59 -37.21
CA ASN D 31 -16.34 -28.86 -37.74
C ASN D 31 -17.19 -28.67 -38.99
N LEU D 32 -16.97 -27.59 -39.73
CA LEU D 32 -17.69 -27.31 -40.98
C LEU D 32 -19.20 -27.21 -40.76
N GLN D 33 -19.64 -26.71 -39.60
CA GLN D 33 -21.05 -26.44 -39.37
C GLN D 33 -21.32 -24.95 -39.50
N THR D 34 -22.29 -24.61 -40.36
CA THR D 34 -22.68 -23.21 -40.56
C THR D 34 -23.67 -22.81 -39.46
N LEU D 35 -23.41 -21.67 -38.82
CA LEU D 35 -24.32 -21.10 -37.84
C LEU D 35 -24.69 -19.68 -38.23
N LYS D 36 -25.95 -19.31 -37.96
CA LYS D 36 -26.43 -17.96 -38.22
C LYS D 36 -26.55 -17.26 -36.87
N ILE D 37 -25.48 -16.58 -36.49
CA ILE D 37 -25.45 -15.88 -35.21
C ILE D 37 -25.66 -14.40 -35.51
N ARG D 38 -26.25 -13.68 -34.57
CA ARG D 38 -26.34 -12.23 -34.70
C ARG D 38 -25.16 -11.63 -33.91
N VAL D 39 -24.21 -11.05 -34.64
CA VAL D 39 -23.02 -10.46 -34.05
C VAL D 39 -23.37 -9.06 -33.54
N HIS D 40 -22.83 -8.71 -32.40
CA HIS D 40 -23.06 -7.38 -31.82
C HIS D 40 -21.85 -6.52 -32.22
N GLU D 41 -22.10 -5.38 -32.86
CA GLU D 41 -21.05 -4.45 -33.32
C GLU D 41 -20.89 -3.30 -32.33
N GLY D 42 -19.69 -3.06 -31.82
CA GLY D 42 -19.40 -1.94 -30.95
C GLY D 42 -18.60 -2.40 -29.72
N TYR D 43 -18.12 -1.39 -29.01
CA TYR D 43 -17.38 -1.62 -27.78
C TYR D 43 -18.31 -1.52 -26.58
N GLU D 44 -18.24 -2.51 -25.70
CA GLU D 44 -19.11 -2.57 -24.54
C GLU D 44 -18.31 -3.08 -23.34
N GLU D 45 -18.75 -2.68 -22.16
CA GLU D 45 -18.16 -3.16 -20.91
C GLU D 45 -19.27 -3.76 -20.06
N PHE D 46 -18.97 -4.88 -19.40
CA PHE D 46 -19.96 -5.64 -18.66
C PHE D 46 -19.40 -6.08 -17.31
N THR D 47 -20.30 -6.25 -16.37
CA THR D 47 -20.04 -7.00 -15.14
C THR D 47 -20.67 -8.37 -15.27
N MET D 48 -19.91 -9.41 -14.94
CA MET D 48 -20.41 -10.77 -14.84
C MET D 48 -20.36 -11.17 -13.38
N VAL D 49 -21.50 -11.54 -12.82
CA VAL D 49 -21.59 -11.92 -11.42
C VAL D 49 -22.03 -13.39 -11.34
N GLY D 50 -21.29 -14.18 -10.55
CA GLY D 50 -21.62 -15.59 -10.40
C GLY D 50 -21.50 -16.00 -8.94
N LYS D 51 -21.94 -17.20 -8.65
CA LYS D 51 -21.91 -17.70 -7.26
C LYS D 51 -20.48 -17.77 -6.78
N ARG D 52 -19.56 -18.26 -7.60
CA ARG D 52 -18.18 -18.48 -7.15
C ARG D 52 -17.18 -17.63 -7.93
N ALA D 53 -17.63 -16.60 -8.64
CA ALA D 53 -16.70 -15.80 -9.42
C ALA D 53 -17.40 -14.56 -9.95
N THR D 54 -16.63 -13.48 -10.04
CA THR D 54 -17.06 -12.22 -10.63
C THR D 54 -16.02 -11.78 -11.66
N ALA D 55 -16.43 -10.91 -12.57
CA ALA D 55 -15.50 -10.48 -13.61
C ALA D 55 -15.95 -9.17 -14.23
N ILE D 56 -14.97 -8.43 -14.74
CA ILE D 56 -15.17 -7.29 -15.62
C ILE D 56 -14.77 -7.72 -17.02
N LEU D 57 -15.62 -7.39 -18.01
CA LEU D 57 -15.40 -7.83 -19.39
C LEU D 57 -15.57 -6.65 -20.32
N ARG D 58 -14.49 -6.24 -20.97
CA ARG D 58 -14.55 -5.26 -22.05
C ARG D 58 -14.41 -6.01 -23.37
N LYS D 59 -15.31 -5.75 -24.31
CA LYS D 59 -15.32 -6.48 -25.58
C LYS D 59 -15.66 -5.53 -26.71
N ALA D 60 -15.23 -5.91 -27.91
CA ALA D 60 -15.54 -5.21 -29.14
C ALA D 60 -16.25 -6.14 -30.11
N THR D 61 -16.33 -5.73 -31.38
CA THR D 61 -16.92 -6.58 -32.40
C THR D 61 -16.16 -7.89 -32.54
N ARG D 62 -16.75 -8.97 -32.07
CA ARG D 62 -16.16 -10.29 -32.16
C ARG D 62 -14.72 -10.28 -31.64
N ARG D 63 -14.49 -9.51 -30.58
CA ARG D 63 -13.16 -9.41 -29.99
C ARG D 63 -13.27 -9.18 -28.49
N LEU D 64 -12.68 -10.08 -27.70
CA LEU D 64 -12.53 -9.86 -26.27
C LEU D 64 -11.39 -8.89 -26.04
N VAL D 65 -11.72 -7.68 -25.57
CA VAL D 65 -10.68 -6.70 -25.31
C VAL D 65 -9.95 -7.01 -24.02
N GLN D 66 -10.68 -7.42 -22.98
CA GLN D 66 -10.05 -7.75 -21.71
C GLN D 66 -11.09 -8.36 -20.78
N LEU D 67 -10.62 -9.23 -19.88
CA LEU D 67 -11.46 -9.81 -18.84
C LEU D 67 -10.63 -9.93 -17.57
N ILE D 68 -10.99 -9.15 -16.55
CA ILE D 68 -10.39 -9.27 -15.22
C ILE D 68 -11.35 -10.10 -14.38
N VAL D 69 -10.92 -11.29 -13.98
CA VAL D 69 -11.79 -12.26 -13.32
C VAL D 69 -11.22 -12.60 -11.96
N SER D 70 -12.11 -12.74 -10.98
CA SER D 70 -11.77 -13.25 -9.66
C SER D 70 -12.75 -14.36 -9.30
N GLY D 71 -12.26 -15.35 -8.56
CA GLY D 71 -13.06 -16.50 -8.22
C GLY D 71 -12.58 -17.11 -6.93
N ARG D 72 -13.23 -18.18 -6.55
CA ARG D 72 -12.92 -18.86 -5.28
C ARG D 72 -11.96 -19.99 -5.52
N ASP D 73 -11.94 -20.51 -6.75
CA ASP D 73 -11.06 -21.65 -7.15
C ASP D 73 -10.81 -21.62 -8.64
N GLU D 74 -9.91 -22.49 -9.12
CA GLU D 74 -9.54 -22.56 -10.55
C GLU D 74 -10.73 -22.91 -11.44
N GLN D 75 -11.53 -23.89 -11.04
CA GLN D 75 -12.74 -24.27 -11.82
C GLN D 75 -13.68 -23.06 -11.93
N SER D 76 -13.84 -22.30 -10.85
CA SER D 76 -14.67 -21.08 -10.81
C SER D 76 -14.24 -20.08 -11.89
N ILE D 77 -12.99 -19.68 -11.88
CA ILE D 77 -12.38 -18.73 -12.81
C ILE D 77 -12.40 -19.28 -14.22
N ALA D 78 -12.19 -20.60 -14.36
CA ALA D 78 -12.25 -21.22 -15.69
C ALA D 78 -13.63 -21.08 -16.31
N GLU D 79 -14.69 -21.33 -15.53
CA GLU D 79 -16.05 -21.19 -16.05
C GLU D 79 -16.33 -19.75 -16.46
N ALA D 80 -15.91 -18.79 -15.62
CA ALA D 80 -16.06 -17.39 -15.99
C ALA D 80 -15.38 -17.12 -17.32
N ILE D 81 -14.15 -17.62 -17.49
CA ILE D 81 -13.40 -17.38 -18.72
C ILE D 81 -14.11 -18.00 -19.91
N ILE D 82 -14.66 -19.21 -19.74
CA ILE D 82 -15.35 -19.89 -20.83
C ILE D 82 -16.57 -19.08 -21.28
N VAL D 83 -17.40 -18.66 -20.32
CA VAL D 83 -18.57 -17.87 -20.66
C VAL D 83 -18.16 -16.59 -21.36
N ALA D 84 -17.11 -15.93 -20.84
CA ALA D 84 -16.68 -14.66 -21.43
C ALA D 84 -16.18 -14.88 -22.86
N MET D 85 -15.48 -15.98 -23.11
CA MET D 85 -14.93 -16.22 -24.43
C MET D 85 -16.01 -16.60 -25.44
N VAL D 86 -17.05 -17.29 -24.99
CA VAL D 86 -18.17 -17.55 -25.90
C VAL D 86 -18.95 -16.27 -26.16
N PHE D 87 -19.05 -15.40 -25.15
CA PHE D 87 -19.73 -14.11 -25.34
C PHE D 87 -18.98 -13.21 -26.31
N SER D 88 -17.64 -13.20 -26.22
CA SER D 88 -16.83 -12.42 -27.15
C SER D 88 -17.30 -12.59 -28.59
N GLN D 89 -17.62 -13.82 -28.99
CA GLN D 89 -17.97 -14.15 -30.36
C GLN D 89 -16.75 -14.17 -31.28
N GLU D 90 -15.57 -14.41 -30.72
CA GLU D 90 -14.34 -14.40 -31.51
C GLU D 90 -14.30 -15.60 -32.46
N ASP D 91 -13.68 -15.39 -33.63
CA ASP D 91 -13.58 -16.45 -34.62
C ASP D 91 -12.78 -17.64 -34.10
N CYS D 92 -11.66 -17.39 -33.43
CA CYS D 92 -10.93 -18.44 -32.71
C CYS D 92 -11.89 -19.39 -32.00
N MET D 93 -12.78 -18.85 -31.17
CA MET D 93 -13.68 -19.69 -30.40
C MET D 93 -14.62 -20.47 -31.31
N ILE D 94 -15.12 -19.82 -32.37
CA ILE D 94 -16.01 -20.50 -33.30
C ILE D 94 -15.30 -21.69 -33.94
N LYS D 95 -14.01 -21.55 -34.24
CA LYS D 95 -13.25 -22.60 -34.90
C LYS D 95 -12.77 -23.68 -33.94
N ALA D 96 -12.67 -23.36 -32.64
CA ALA D 96 -12.30 -24.37 -31.66
C ALA D 96 -13.40 -25.43 -31.47
N VAL D 97 -14.55 -25.23 -32.10
CA VAL D 97 -15.67 -26.16 -32.06
C VAL D 97 -15.32 -27.48 -32.72
N ARG D 98 -14.97 -28.48 -31.91
CA ARG D 98 -14.55 -29.79 -32.41
C ARG D 98 -15.44 -30.88 -31.83
N PHE D 103 -19.39 -30.86 -33.64
CA PHE D 103 -20.84 -30.72 -33.82
C PHE D 103 -21.58 -30.31 -32.55
N VAL D 104 -22.57 -29.48 -32.77
CA VAL D 104 -23.50 -29.07 -31.74
C VAL D 104 -24.88 -29.54 -32.18
N ASN D 105 -25.52 -30.36 -31.36
CA ASN D 105 -26.86 -30.86 -31.65
C ASN D 105 -27.01 -31.37 -33.09
N LEU D 111 -31.11 -25.66 -28.20
CA LEU D 111 -30.93 -25.04 -29.51
C LEU D 111 -30.29 -23.66 -29.40
N ASN D 112 -30.46 -22.88 -30.46
CA ASN D 112 -29.91 -21.54 -30.66
C ASN D 112 -28.40 -21.48 -30.50
N PRO D 113 -27.72 -20.65 -31.34
CA PRO D 113 -26.26 -20.78 -31.52
C PRO D 113 -25.38 -20.41 -30.34
N MET D 114 -25.60 -19.24 -29.72
CA MET D 114 -24.77 -18.87 -28.58
C MET D 114 -24.82 -19.96 -27.50
N HIS D 115 -26.00 -20.50 -27.22
CA HIS D 115 -26.11 -21.55 -26.22
C HIS D 115 -25.49 -22.85 -26.72
N GLN D 116 -25.57 -23.13 -28.02
CA GLN D 116 -24.87 -24.28 -28.57
C GLN D 116 -23.38 -24.20 -28.29
N LEU D 117 -22.77 -23.06 -28.61
CA LEU D 117 -21.35 -22.86 -28.33
C LEU D 117 -21.06 -22.98 -26.84
N LEU D 118 -21.89 -22.35 -25.99
CA LEU D 118 -21.61 -22.35 -24.56
C LEU D 118 -21.66 -23.76 -23.99
N ARG D 119 -22.69 -24.54 -24.33
CA ARG D 119 -22.77 -25.92 -23.87
C ARG D 119 -21.59 -26.74 -24.40
N HIS D 120 -21.34 -26.64 -25.71
CA HIS D 120 -20.21 -27.33 -26.30
C HIS D 120 -18.93 -27.11 -25.50
N PHE D 121 -18.59 -25.84 -25.25
CA PHE D 121 -17.34 -25.54 -24.56
C PHE D 121 -17.42 -25.79 -23.07
N GLN D 122 -18.63 -25.93 -22.51
CA GLN D 122 -18.75 -26.33 -21.11
C GLN D 122 -18.48 -27.82 -20.93
N LYS D 123 -18.76 -28.63 -21.95
CA LYS D 123 -18.39 -30.04 -21.86
C LYS D 123 -16.88 -30.22 -21.90
N ASP D 124 -16.19 -29.41 -22.70
CA ASP D 124 -14.70 -29.41 -22.73
C ASP D 124 -14.19 -28.14 -23.40
N ALA D 125 -13.33 -27.39 -22.72
CA ALA D 125 -12.86 -26.09 -23.26
C ALA D 125 -11.34 -26.07 -23.54
N LYS D 126 -10.68 -27.21 -23.53
CA LYS D 126 -9.22 -27.18 -23.71
C LYS D 126 -8.86 -26.69 -25.11
N VAL D 127 -9.51 -27.24 -26.14
CA VAL D 127 -9.27 -26.75 -27.49
C VAL D 127 -9.58 -25.26 -27.56
N LEU D 128 -10.63 -24.82 -26.86
CA LEU D 128 -10.94 -23.40 -26.78
C LEU D 128 -9.75 -22.61 -26.24
N PHE D 129 -9.25 -22.99 -25.10
CA PHE D 129 -8.11 -22.24 -24.54
C PHE D 129 -6.92 -22.27 -25.48
N GLN D 130 -6.32 -23.44 -25.66
CA GLN D 130 -5.13 -23.69 -26.49
C GLN D 130 -5.16 -22.95 -27.82
N ASN D 131 -6.30 -22.61 -28.38
CA ASN D 131 -6.38 -21.90 -29.64
C ASN D 131 -6.77 -20.44 -29.45
N TRP D 132 -6.95 -20.00 -28.20
CA TRP D 132 -7.34 -18.62 -27.94
C TRP D 132 -6.19 -17.66 -28.19
N GLY D 133 -4.99 -18.04 -27.78
CA GLY D 133 -3.83 -17.19 -27.94
C GLY D 133 -3.29 -16.74 -26.60
N ILE D 134 -1.97 -16.56 -26.54
CA ILE D 134 -1.31 -16.15 -25.31
C ILE D 134 -0.55 -14.85 -25.57
N GLU D 135 -0.18 -14.18 -24.49
CA GLU D 135 0.45 -12.87 -24.56
C GLU D 135 1.26 -12.67 -23.30
N HIS D 136 2.15 -11.69 -23.35
CA HIS D 136 2.93 -11.29 -22.18
C HIS D 136 2.16 -10.22 -21.40
N ILE D 137 2.23 -10.32 -20.08
CA ILE D 137 1.57 -9.38 -19.18
C ILE D 137 2.60 -8.39 -18.67
N ASP D 138 2.20 -7.11 -18.60
CA ASP D 138 3.10 -6.06 -18.17
C ASP D 138 3.10 -5.86 -16.65
N ASN D 139 2.21 -6.53 -15.92
CA ASN D 139 2.14 -6.45 -14.46
C ASN D 139 1.78 -5.05 -14.00
N VAL D 140 1.27 -4.22 -14.92
CA VAL D 140 0.92 -2.83 -14.63
C VAL D 140 -0.34 -2.74 -13.76
N MET D 141 -1.15 -3.81 -13.70
CA MET D 141 -2.32 -3.88 -12.84
C MET D 141 -2.07 -4.71 -11.58
N GLY D 142 -0.88 -5.28 -11.44
CA GLY D 142 -0.59 -6.11 -10.30
C GLY D 142 -1.38 -7.39 -10.28
N MET D 143 -1.78 -7.88 -11.46
CA MET D 143 -2.59 -9.08 -11.58
C MET D 143 -1.72 -10.27 -11.98
N VAL D 144 -2.37 -11.41 -12.14
CA VAL D 144 -1.71 -12.65 -12.52
C VAL D 144 -2.31 -13.15 -13.82
N GLY D 145 -1.48 -13.77 -14.66
CA GLY D 145 -1.95 -14.35 -15.89
C GLY D 145 -2.41 -15.78 -15.71
N VAL D 146 -3.11 -16.28 -16.72
CA VAL D 146 -3.65 -17.64 -16.68
C VAL D 146 -3.39 -18.29 -18.03
N LEU D 147 -2.71 -19.44 -18.02
CA LEU D 147 -2.36 -20.17 -19.23
C LEU D 147 -3.46 -21.13 -19.60
N PRO D 148 -3.38 -21.73 -20.80
CA PRO D 148 -4.45 -22.62 -21.27
C PRO D 148 -4.79 -23.76 -20.32
N ASP D 149 -3.87 -24.15 -19.46
CA ASP D 149 -4.10 -25.22 -18.50
C ASP D 149 -4.49 -24.68 -17.13
N MET D 150 -4.86 -23.40 -17.04
CA MET D 150 -5.22 -22.74 -15.79
C MET D 150 -4.02 -22.57 -14.88
N THR D 151 -2.84 -22.72 -15.45
CA THR D 151 -1.60 -22.51 -14.67
C THR D 151 -1.37 -21.02 -14.50
N PRO D 152 -1.18 -20.52 -13.27
CA PRO D 152 -0.92 -19.13 -13.06
C PRO D 152 0.53 -18.86 -13.46
N SER D 153 0.76 -17.72 -14.11
CA SER D 153 2.11 -17.29 -14.57
C SER D 153 2.25 -15.79 -14.31
N THR D 154 3.48 -15.31 -14.12
CA THR D 154 3.66 -13.89 -13.83
C THR D 154 4.19 -13.14 -15.05
N GLU D 155 4.42 -13.82 -16.16
CA GLU D 155 4.93 -13.06 -17.32
C GLU D 155 4.06 -13.34 -18.53
N MET D 156 3.17 -14.30 -18.42
CA MET D 156 2.39 -14.75 -19.57
C MET D 156 0.97 -15.07 -19.14
N SER D 157 0.02 -14.86 -20.06
CA SER D 157 -1.38 -15.09 -19.78
C SER D 157 -2.13 -15.26 -21.09
N MET D 158 -3.24 -16.00 -21.04
CA MET D 158 -4.13 -16.07 -22.18
C MET D 158 -4.52 -14.67 -22.63
N ARG D 159 -4.62 -14.48 -23.95
CA ARG D 159 -4.84 -13.16 -24.52
C ARG D 159 -6.06 -12.48 -23.91
N GLY D 160 -5.86 -11.31 -23.31
CA GLY D 160 -6.92 -10.52 -22.74
C GLY D 160 -7.38 -10.94 -21.36
N ILE D 161 -6.94 -12.09 -20.87
CA ILE D 161 -7.39 -12.62 -19.59
C ILE D 161 -6.43 -12.19 -18.50
N ARG D 162 -6.99 -11.69 -17.39
CA ARG D 162 -6.22 -11.38 -16.19
C ARG D 162 -7.04 -11.84 -15.00
N VAL D 163 -6.36 -12.42 -14.00
CA VAL D 163 -7.01 -12.88 -12.78
C VAL D 163 -6.40 -12.11 -11.61
N SER D 164 -7.22 -11.30 -10.94
CA SER D 164 -6.85 -10.63 -9.71
C SER D 164 -7.49 -11.38 -8.55
N LYS D 165 -7.37 -10.83 -7.34
CA LYS D 165 -7.90 -11.48 -6.15
C LYS D 165 -9.12 -10.75 -5.62
N MET D 166 -9.83 -11.43 -4.72
CA MET D 166 -11.08 -10.96 -4.15
C MET D 166 -10.89 -10.43 -2.72
#